data_1QXQ
#
_entry.id   1QXQ
#
_entity_poly.entity_id   1
_entity_poly.type   'polypeptide(L)'
_entity_poly.pdbx_seq_one_letter_code
;ILKKWPWWPWRRK(NH2)
;
_entity_poly.pdbx_strand_id   A
#
loop_
_chem_comp.id
_chem_comp.type
_chem_comp.name
_chem_comp.formula
NH2 non-polymer 'AMINO GROUP' 'H2 N'
#
# COMPACT_ATOMS: atom_id res chain seq x y z
N ILE A 1 4.07 -12.60 -1.23
CA ILE A 1 5.00 -11.47 -1.54
C ILE A 1 4.29 -10.13 -1.35
N LEU A 2 5.02 -9.09 -1.07
CA LEU A 2 4.39 -7.75 -0.86
C LEU A 2 3.57 -7.75 0.43
N LYS A 3 4.12 -7.20 1.47
CA LYS A 3 3.38 -7.16 2.78
C LYS A 3 4.13 -6.27 3.77
N LYS A 4 4.14 -4.99 3.55
CA LYS A 4 4.83 -4.06 4.48
C LYS A 4 3.96 -2.85 4.77
N TRP A 5 2.89 -3.08 5.46
CA TRP A 5 1.96 -1.96 5.79
C TRP A 5 1.58 -1.18 4.53
N PRO A 6 0.41 -1.48 4.03
CA PRO A 6 -0.09 -0.80 2.80
C PRO A 6 -0.48 0.64 3.11
N TRP A 7 0.47 1.52 3.13
CA TRP A 7 0.17 2.96 3.41
C TRP A 7 0.60 3.83 2.24
N TRP A 8 0.13 3.53 1.07
CA TRP A 8 0.50 4.32 -0.13
C TRP A 8 -0.72 5.08 -0.65
N PRO A 9 -0.69 6.38 -0.50
CA PRO A 9 -1.80 7.23 -0.97
C PRO A 9 -1.62 7.61 -2.44
N TRP A 10 -1.03 6.73 -3.20
CA TRP A 10 -0.82 7.03 -4.65
C TRP A 10 -1.72 6.15 -5.51
N ARG A 11 -1.50 4.86 -5.49
CA ARG A 11 -2.34 3.94 -6.29
C ARG A 11 -2.92 2.85 -5.40
N ARG A 12 -3.74 3.23 -4.47
CA ARG A 12 -4.35 2.22 -3.55
C ARG A 12 -5.33 1.32 -4.33
N LYS A 13 -4.84 0.27 -4.92
CA LYS A 13 -5.73 -0.63 -5.69
C LYS A 13 -6.69 0.18 -6.57
N NH2 A 14 -6.23 1.21 -7.22
HN1 NH2 A 14 -5.28 1.45 -7.16
HN2 NH2 A 14 -6.83 1.74 -7.79
N ILE A 1 9.27 -7.29 -4.21
CA ILE A 1 8.99 -7.42 -2.75
C ILE A 1 7.89 -6.44 -2.33
N LEU A 2 7.18 -6.74 -1.28
CA LEU A 2 6.09 -5.82 -0.84
C LEU A 2 5.41 -6.38 0.41
N LYS A 3 5.75 -5.88 1.56
CA LYS A 3 5.13 -6.38 2.81
C LYS A 3 5.49 -5.46 3.99
N LYS A 4 5.08 -4.23 3.94
CA LYS A 4 5.40 -3.29 5.04
C LYS A 4 4.27 -2.27 5.20
N TRP A 5 3.18 -2.70 5.76
CA TRP A 5 2.02 -1.79 5.96
C TRP A 5 1.64 -1.12 4.63
N PRO A 6 0.55 -1.57 4.07
CA PRO A 6 0.07 -1.01 2.79
C PRO A 6 -0.52 0.40 3.01
N TRP A 7 0.32 1.39 3.05
CA TRP A 7 -0.18 2.77 3.26
C TRP A 7 0.32 3.70 2.14
N TRP A 8 0.02 3.36 0.92
CA TRP A 8 0.46 4.22 -0.21
C TRP A 8 -0.72 5.02 -0.76
N PRO A 9 -0.66 6.31 -0.57
CA PRO A 9 -1.73 7.21 -1.04
C PRO A 9 -1.51 7.60 -2.50
N TRP A 10 -0.86 6.77 -3.25
CA TRP A 10 -0.60 7.07 -4.68
C TRP A 10 -1.48 6.21 -5.57
N ARG A 11 -1.54 4.94 -5.30
CA ARG A 11 -2.38 4.03 -6.13
C ARG A 11 -3.42 3.34 -5.26
N ARG A 12 -4.28 4.11 -4.65
CA ARG A 12 -5.33 3.51 -3.77
C ARG A 12 -6.62 3.28 -4.58
N LYS A 13 -7.33 2.23 -4.26
CA LYS A 13 -8.59 1.94 -5.00
C LYS A 13 -8.30 1.74 -6.49
N NH2 A 14 -7.37 0.89 -6.85
HN1 NH2 A 14 -6.88 0.39 -6.17
HN2 NH2 A 14 -7.17 0.76 -7.80
N ILE A 1 0.82 -12.52 -3.78
CA ILE A 1 1.90 -11.84 -3.00
C ILE A 1 1.56 -10.36 -2.80
N LEU A 2 1.44 -9.93 -1.58
CA LEU A 2 1.11 -8.51 -1.31
C LEU A 2 0.80 -8.30 0.18
N LYS A 3 1.74 -7.74 0.90
CA LYS A 3 1.51 -7.51 2.36
C LYS A 3 2.69 -6.75 2.96
N LYS A 4 2.83 -5.49 2.63
CA LYS A 4 3.96 -4.70 3.19
C LYS A 4 3.44 -3.36 3.70
N TRP A 5 2.66 -3.41 4.73
CA TRP A 5 2.10 -2.17 5.33
C TRP A 5 1.49 -1.28 4.23
N PRO A 6 0.18 -1.33 4.14
CA PRO A 6 -0.53 -0.52 3.13
C PRO A 6 -0.51 0.96 3.50
N TRP A 7 0.54 1.64 3.18
CA TRP A 7 0.63 3.09 3.51
C TRP A 7 1.01 3.91 2.28
N TRP A 8 0.21 3.83 1.26
CA TRP A 8 0.51 4.59 0.02
C TRP A 8 -0.78 5.15 -0.59
N PRO A 9 -0.93 6.44 -0.49
CA PRO A 9 -2.12 7.13 -1.02
C PRO A 9 -1.91 7.49 -2.50
N TRP A 10 -1.16 6.69 -3.20
CA TRP A 10 -0.91 6.97 -4.64
C TRP A 10 -1.66 5.98 -5.52
N ARG A 11 -1.31 4.74 -5.42
CA ARG A 11 -1.99 3.71 -6.25
C ARG A 11 -2.51 2.58 -5.35
N ARG A 12 -3.44 2.90 -4.49
CA ARG A 12 -4.00 1.85 -3.58
C ARG A 12 -5.38 1.41 -4.08
N LYS A 13 -5.43 0.72 -5.18
CA LYS A 13 -6.75 0.26 -5.71
C LYS A 13 -6.54 -0.87 -6.72
N NH2 A 14 -5.90 -1.94 -6.37
HN1 NH2 A 14 -5.55 -2.03 -5.46
HN2 NH2 A 14 -5.77 -2.67 -7.01
N ILE A 1 10.36 -1.88 3.60
CA ILE A 1 9.90 -2.22 2.22
C ILE A 1 9.51 -3.70 2.14
N LEU A 2 8.62 -4.05 1.24
CA LEU A 2 8.20 -5.46 1.11
C LEU A 2 7.43 -5.89 2.36
N LYS A 3 6.13 -5.90 2.29
CA LYS A 3 5.32 -6.30 3.47
C LYS A 3 5.54 -5.33 4.63
N LYS A 4 5.22 -4.08 4.43
CA LYS A 4 5.42 -3.08 5.51
C LYS A 4 4.23 -2.14 5.56
N TRP A 5 3.11 -2.63 5.98
CA TRP A 5 1.90 -1.78 6.07
C TRP A 5 1.62 -1.09 4.72
N PRO A 6 0.62 -1.57 4.05
CA PRO A 6 0.25 -1.01 2.72
C PRO A 6 -0.41 0.35 2.91
N TRP A 7 0.37 1.40 3.04
CA TRP A 7 -0.21 2.76 3.23
C TRP A 7 0.26 3.68 2.10
N TRP A 8 0.05 3.30 0.89
CA TRP A 8 0.48 4.15 -0.25
C TRP A 8 -0.70 4.97 -0.78
N PRO A 9 -0.61 6.26 -0.56
CA PRO A 9 -1.69 7.18 -1.01
C PRO A 9 -1.47 7.60 -2.46
N TRP A 10 -0.87 6.76 -3.24
CA TRP A 10 -0.62 7.09 -4.67
C TRP A 10 -1.52 6.27 -5.58
N ARG A 11 -1.60 5.00 -5.34
CA ARG A 11 -2.46 4.12 -6.18
C ARG A 11 -3.51 3.43 -5.31
N ARG A 12 -4.35 4.19 -4.69
CA ARG A 12 -5.41 3.59 -3.83
C ARG A 12 -6.77 3.63 -4.53
N LYS A 13 -7.46 2.52 -4.57
CA LYS A 13 -8.80 2.49 -5.24
C LYS A 13 -8.78 3.34 -6.52
N NH2 A 14 -7.66 3.49 -7.16
HN1 NH2 A 14 -6.84 3.07 -6.84
HN2 NH2 A 14 -7.64 4.04 -7.99
N ILE A 1 0.80 -4.50 8.53
CA ILE A 1 0.71 -5.90 8.01
C ILE A 1 -0.07 -5.93 6.70
N LEU A 2 -0.02 -7.03 5.99
CA LEU A 2 -0.75 -7.13 4.71
C LEU A 2 -0.12 -6.21 3.66
N LYS A 3 0.68 -6.75 2.79
CA LYS A 3 1.33 -5.92 1.74
C LYS A 3 2.31 -4.93 2.38
N LYS A 4 3.31 -5.43 3.05
CA LYS A 4 4.32 -4.56 3.71
C LYS A 4 3.71 -3.23 4.13
N TRP A 5 2.80 -3.30 5.06
CA TRP A 5 2.15 -2.04 5.55
C TRP A 5 1.58 -1.25 4.38
N PRO A 6 0.30 -1.39 4.17
CA PRO A 6 -0.38 -0.68 3.07
C PRO A 6 -0.53 0.81 3.41
N TRP A 7 0.49 1.57 3.18
CA TRP A 7 0.41 3.03 3.49
C TRP A 7 0.83 3.85 2.28
N TRP A 8 0.15 3.67 1.18
CA TRP A 8 0.50 4.43 -0.05
C TRP A 8 -0.76 5.07 -0.65
N PRO A 9 -0.84 6.37 -0.51
CA PRO A 9 -2.00 7.13 -1.03
C PRO A 9 -1.78 7.53 -2.48
N TRP A 10 -1.08 6.71 -3.22
CA TRP A 10 -0.82 7.03 -4.65
C TRP A 10 -1.65 6.11 -5.55
N ARG A 11 -1.40 4.84 -5.49
CA ARG A 11 -2.15 3.88 -6.35
C ARG A 11 -2.78 2.80 -5.47
N ARG A 12 -3.67 3.19 -4.60
CA ARG A 12 -4.33 2.19 -3.71
C ARG A 12 -5.74 1.88 -4.22
N LYS A 13 -6.20 0.67 -4.04
CA LYS A 13 -7.57 0.31 -4.51
C LYS A 13 -8.49 0.03 -3.33
N NH2 A 14 -8.64 0.94 -2.40
HN1 NH2 A 14 -8.16 1.80 -2.48
HN2 NH2 A 14 -9.23 0.78 -1.64
N ILE A 1 4.19 -11.43 -4.43
CA ILE A 1 4.30 -11.07 -2.98
C ILE A 1 3.64 -9.72 -2.71
N LEU A 2 3.33 -9.44 -1.48
CA LEU A 2 2.68 -8.14 -1.15
C LEU A 2 2.25 -8.12 0.32
N LYS A 3 2.98 -7.44 1.15
CA LYS A 3 2.62 -7.38 2.59
C LYS A 3 3.61 -6.50 3.35
N LYS A 4 3.63 -5.23 3.07
CA LYS A 4 4.57 -4.31 3.76
C LYS A 4 3.84 -3.04 4.19
N TRP A 5 2.95 -3.17 5.12
CA TRP A 5 2.19 -1.99 5.60
C TRP A 5 1.61 -1.22 4.42
N PRO A 6 0.34 -1.44 4.17
CA PRO A 6 -0.35 -0.76 3.05
C PRO A 6 -0.58 0.72 3.37
N TRP A 7 0.41 1.53 3.18
CA TRP A 7 0.26 2.99 3.47
C TRP A 7 0.70 3.82 2.27
N TRP A 8 0.09 3.61 1.15
CA TRP A 8 0.46 4.38 -0.07
C TRP A 8 -0.77 5.09 -0.64
N PRO A 9 -0.77 6.39 -0.52
CA PRO A 9 -1.89 7.21 -1.01
C PRO A 9 -1.67 7.58 -2.48
N TRP A 10 -1.04 6.72 -3.22
CA TRP A 10 -0.78 7.02 -4.66
C TRP A 10 -1.65 6.13 -5.54
N ARG A 11 -1.43 4.84 -5.51
CA ARG A 11 -2.23 3.92 -6.34
C ARG A 11 -2.82 2.81 -5.48
N ARG A 12 -3.67 3.17 -4.56
CA ARG A 12 -4.29 2.14 -3.67
C ARG A 12 -5.68 2.59 -3.23
N LYS A 13 -6.68 2.38 -4.05
CA LYS A 13 -8.05 2.79 -3.68
C LYS A 13 -8.83 1.60 -3.09
N NH2 A 14 -8.26 0.87 -2.17
HN1 NH2 A 14 -7.35 1.09 -1.86
HN2 NH2 A 14 -8.73 0.11 -1.79
N ILE A 1 -0.18 -7.94 8.69
CA ILE A 1 0.96 -7.31 7.95
C ILE A 1 0.83 -7.59 6.45
N LEU A 2 1.48 -6.81 5.64
CA LEU A 2 1.40 -7.03 4.16
C LEU A 2 2.14 -5.92 3.42
N LYS A 3 3.32 -6.20 2.95
CA LYS A 3 4.10 -5.17 2.21
C LYS A 3 4.42 -3.99 3.13
N LYS A 4 5.11 -4.25 4.21
CA LYS A 4 5.46 -3.16 5.15
C LYS A 4 4.32 -2.16 5.29
N TRP A 5 3.25 -2.60 5.86
CA TRP A 5 2.07 -1.72 6.05
C TRP A 5 1.68 -1.08 4.71
N PRO A 6 0.61 -1.58 4.15
CA PRO A 6 0.12 -1.05 2.85
C PRO A 6 -0.52 0.33 3.03
N TRP A 7 0.30 1.35 3.05
CA TRP A 7 -0.25 2.73 3.22
C TRP A 7 0.25 3.64 2.10
N TRP A 8 -0.02 3.28 0.89
CA TRP A 8 0.43 4.11 -0.26
C TRP A 8 -0.73 4.95 -0.80
N PRO A 9 -0.65 6.23 -0.58
CA PRO A 9 -1.69 7.16 -1.04
C PRO A 9 -1.45 7.59 -2.48
N TRP A 10 -0.82 6.75 -3.25
CA TRP A 10 -0.54 7.09 -4.67
C TRP A 10 -1.46 6.29 -5.59
N ARG A 11 -1.59 5.02 -5.35
CA ARG A 11 -2.46 4.18 -6.20
C ARG A 11 -3.54 3.51 -5.36
N ARG A 12 -4.38 4.30 -4.75
CA ARG A 12 -5.45 3.73 -3.89
C ARG A 12 -6.37 2.84 -4.74
N LYS A 13 -6.70 1.67 -4.24
CA LYS A 13 -7.60 0.77 -5.01
C LYS A 13 -8.18 -0.30 -4.09
N NH2 A 14 -9.22 0.00 -3.33
HN1 NH2 A 14 -9.60 0.89 -3.37
HN2 NH2 A 14 -9.60 -0.68 -2.73
N ILE A 1 5.41 -13.16 2.23
CA ILE A 1 5.74 -12.27 1.08
C ILE A 1 4.79 -11.08 1.04
N LEU A 2 5.31 -9.90 0.80
CA LEU A 2 4.43 -8.70 0.75
C LEU A 2 3.84 -8.42 2.14
N LYS A 3 4.42 -7.49 2.85
CA LYS A 3 3.90 -7.16 4.21
C LYS A 3 4.66 -5.96 4.78
N LYS A 4 4.48 -4.81 4.20
CA LYS A 4 5.18 -3.60 4.70
C LYS A 4 4.18 -2.46 4.87
N TRP A 5 3.27 -2.62 5.78
CA TRP A 5 2.24 -1.56 6.03
C TRP A 5 1.75 -1.00 4.69
N PRO A 6 0.66 -1.55 4.22
CA PRO A 6 0.07 -1.10 2.94
C PRO A 6 -0.58 0.27 3.11
N TRP A 7 0.20 1.32 3.05
CA TRP A 7 -0.36 2.69 3.21
C TRP A 7 0.15 3.59 2.09
N TRP A 8 -0.08 3.23 0.87
CA TRP A 8 0.39 4.05 -0.27
C TRP A 8 -0.75 4.91 -0.80
N PRO A 9 -0.63 6.20 -0.59
CA PRO A 9 -1.66 7.15 -1.04
C PRO A 9 -1.40 7.58 -2.48
N TRP A 10 -0.77 6.74 -3.24
CA TRP A 10 -0.47 7.08 -4.66
C TRP A 10 -1.40 6.31 -5.60
N ARG A 11 -1.58 5.04 -5.36
CA ARG A 11 -2.47 4.23 -6.23
C ARG A 11 -3.59 3.61 -5.41
N ARG A 12 -4.40 4.44 -4.80
CA ARG A 12 -5.53 3.92 -3.98
C ARG A 12 -6.83 3.91 -4.78
N LYS A 13 -7.92 3.59 -4.16
CA LYS A 13 -9.22 3.56 -4.89
C LYS A 13 -10.26 4.43 -4.16
N NH2 A 14 -11.36 3.88 -3.73
HN1 NH2 A 14 -11.53 2.93 -3.88
HN2 NH2 A 14 -12.03 4.43 -3.27
N ILE A 1 1.77 -11.67 -5.04
CA ILE A 1 2.05 -11.33 -3.63
C ILE A 1 1.67 -9.87 -3.34
N LEU A 2 1.40 -9.55 -2.10
CA LEU A 2 1.02 -8.16 -1.75
C LEU A 2 0.66 -8.06 -0.27
N LYS A 3 1.55 -7.54 0.52
CA LYS A 3 1.25 -7.41 1.98
C LYS A 3 2.43 -6.74 2.71
N LYS A 4 2.63 -5.47 2.48
CA LYS A 4 3.75 -4.77 3.15
C LYS A 4 3.28 -3.43 3.71
N TRP A 5 2.42 -3.49 4.68
CA TRP A 5 1.89 -2.24 5.30
C TRP A 5 1.38 -1.29 4.20
N PRO A 6 0.08 -1.24 4.07
CA PRO A 6 -0.55 -0.37 3.06
C PRO A 6 -0.41 1.10 3.46
N TRP A 7 0.71 1.70 3.16
CA TRP A 7 0.91 3.13 3.51
C TRP A 7 1.23 3.95 2.26
N TRP A 8 0.37 3.90 1.30
CA TRP A 8 0.60 4.67 0.04
C TRP A 8 -0.73 5.13 -0.55
N PRO A 9 -0.98 6.40 -0.44
CA PRO A 9 -2.23 6.99 -0.96
C PRO A 9 -2.06 7.39 -2.43
N TRP A 10 -1.27 6.65 -3.16
CA TRP A 10 -1.06 6.97 -4.59
C TRP A 10 -1.75 5.94 -5.48
N ARG A 11 -1.31 4.72 -5.44
CA ARG A 11 -1.93 3.66 -6.27
C ARG A 11 -2.35 2.48 -5.39
N ARG A 12 -3.26 2.73 -4.49
CA ARG A 12 -3.74 1.64 -3.59
C ARG A 12 -4.80 0.79 -4.29
N LYS A 13 -4.41 -0.31 -4.87
CA LYS A 13 -5.40 -1.17 -5.57
C LYS A 13 -5.40 -2.57 -4.96
N NH2 A 14 -5.12 -3.61 -5.70
HN1 NH2 A 14 -4.90 -3.49 -6.65
HN2 NH2 A 14 -5.11 -4.50 -5.31
N ILE A 1 2.62 -4.45 8.78
CA ILE A 1 2.52 -5.90 8.45
C ILE A 1 1.52 -6.11 7.31
N LEU A 2 1.59 -7.23 6.66
CA LEU A 2 0.64 -7.50 5.53
C LEU A 2 0.92 -6.55 4.37
N LYS A 3 1.62 -7.01 3.37
CA LYS A 3 1.93 -6.13 2.20
C LYS A 3 2.76 -4.93 2.65
N LYS A 4 3.92 -5.17 3.21
CA LYS A 4 4.81 -4.08 3.67
C LYS A 4 4.01 -2.85 4.10
N TRP A 5 3.16 -3.05 5.04
CA TRP A 5 2.32 -1.91 5.55
C TRP A 5 1.66 -1.18 4.38
N PRO A 6 0.40 -1.47 4.19
CA PRO A 6 -0.37 -0.83 3.10
C PRO A 6 -0.65 0.64 3.43
N TRP A 7 0.29 1.50 3.17
CA TRP A 7 0.09 2.95 3.47
C TRP A 7 0.57 3.79 2.29
N TRP A 8 0.00 3.60 1.14
CA TRP A 8 0.41 4.39 -0.05
C TRP A 8 -0.81 5.06 -0.69
N PRO A 9 -0.86 6.36 -0.56
CA PRO A 9 -1.97 7.14 -1.12
C PRO A 9 -1.66 7.52 -2.57
N TRP A 10 -0.91 6.71 -3.25
CA TRP A 10 -0.56 7.00 -4.67
C TRP A 10 -1.35 6.09 -5.61
N ARG A 11 -1.38 4.83 -5.31
CA ARG A 11 -2.12 3.87 -6.18
C ARG A 11 -3.24 3.21 -5.40
N ARG A 12 -4.16 3.99 -4.90
CA ARG A 12 -5.29 3.42 -4.11
C ARG A 12 -6.24 2.65 -5.02
N LYS A 13 -6.08 1.36 -5.10
CA LYS A 13 -6.99 0.55 -5.98
C LYS A 13 -6.77 -0.94 -5.72
N NH2 A 14 -7.67 -1.60 -5.02
HN1 NH2 A 14 -8.45 -1.13 -4.67
HN2 NH2 A 14 -7.54 -2.55 -4.85
N ILE A 1 6.02 -10.71 -4.44
CA ILE A 1 5.63 -10.58 -3.00
C ILE A 1 4.94 -9.24 -2.75
N LEU A 2 4.38 -9.06 -1.58
CA LEU A 2 3.70 -7.78 -1.27
C LEU A 2 3.07 -7.83 0.11
N LYS A 3 3.70 -7.23 1.08
CA LYS A 3 3.14 -7.25 2.46
C LYS A 3 3.98 -6.36 3.39
N LYS A 4 3.95 -5.08 3.16
CA LYS A 4 4.76 -4.15 4.02
C LYS A 4 3.92 -2.94 4.41
N TRP A 5 2.91 -3.16 5.20
CA TRP A 5 2.03 -2.03 5.63
C TRP A 5 1.55 -1.24 4.42
N PRO A 6 0.31 -1.44 4.08
CA PRO A 6 -0.29 -0.73 2.93
C PRO A 6 -0.53 0.74 3.27
N TRP A 7 0.47 1.55 3.15
CA TRP A 7 0.31 3.00 3.46
C TRP A 7 0.75 3.85 2.27
N TRP A 8 0.14 3.64 1.14
CA TRP A 8 0.50 4.42 -0.07
C TRP A 8 -0.74 5.11 -0.63
N PRO A 9 -0.77 6.41 -0.51
CA PRO A 9 -1.90 7.21 -1.00
C PRO A 9 -1.71 7.58 -2.47
N TRP A 10 -1.05 6.73 -3.21
CA TRP A 10 -0.83 7.01 -4.65
C TRP A 10 -1.69 6.10 -5.52
N ARG A 11 -1.43 4.82 -5.47
CA ARG A 11 -2.23 3.86 -6.28
C ARG A 11 -2.79 2.76 -5.38
N ARG A 12 -3.63 3.12 -4.47
CA ARG A 12 -4.24 2.11 -3.55
C ARG A 12 -4.91 1.01 -4.36
N LYS A 13 -5.29 -0.07 -3.72
CA LYS A 13 -5.95 -1.18 -4.46
C LYS A 13 -7.43 -1.28 -4.04
N NH2 A 14 -7.87 -2.37 -3.49
HN1 NH2 A 14 -7.27 -3.13 -3.34
HN2 NH2 A 14 -8.81 -2.43 -3.22
N ILE A 1 -2.74 -7.36 -0.70
CA ILE A 1 -2.45 -7.39 0.76
C ILE A 1 -1.00 -7.83 1.01
N LEU A 2 -0.52 -7.71 2.21
CA LEU A 2 0.88 -8.12 2.50
C LEU A 2 1.87 -7.24 1.73
N LYS A 3 2.41 -6.26 2.37
CA LYS A 3 3.38 -5.36 1.68
C LYS A 3 3.85 -4.25 2.63
N LYS A 4 4.69 -4.59 3.58
CA LYS A 4 5.22 -3.59 4.53
C LYS A 4 4.19 -2.52 4.82
N TRP A 5 3.11 -2.90 5.44
CA TRP A 5 2.04 -1.92 5.77
C TRP A 5 1.61 -1.18 4.50
N PRO A 6 0.44 -1.52 4.02
CA PRO A 6 -0.10 -0.88 2.80
C PRO A 6 -0.55 0.55 3.11
N TRP A 7 0.37 1.48 3.09
CA TRP A 7 0.00 2.90 3.38
C TRP A 7 0.49 3.81 2.25
N TRP A 8 0.06 3.53 1.05
CA TRP A 8 0.48 4.36 -0.11
C TRP A 8 -0.74 5.09 -0.70
N PRO A 9 -0.75 6.38 -0.55
CA PRO A 9 -1.86 7.20 -1.07
C PRO A 9 -1.62 7.57 -2.53
N TRP A 10 -0.92 6.73 -3.25
CA TRP A 10 -0.64 7.02 -4.68
C TRP A 10 -1.45 6.09 -5.58
N ARG A 11 -1.45 4.83 -5.27
CA ARG A 11 -2.21 3.85 -6.09
C ARG A 11 -3.29 3.18 -5.25
N ARG A 12 -4.19 3.96 -4.72
CA ARG A 12 -5.27 3.39 -3.87
C ARG A 12 -6.20 4.51 -3.38
N LYS A 13 -7.06 5.00 -4.23
CA LYS A 13 -7.99 6.09 -3.81
C LYS A 13 -9.32 5.51 -3.35
N NH2 A 14 -9.34 4.36 -2.72
HN1 NH2 A 14 -8.51 3.89 -2.55
HN2 NH2 A 14 -10.20 3.98 -2.43
#